data_6UZK
#
_entry.id   6UZK
#
_cell.length_a   57.204
_cell.length_b   77.089
_cell.length_c   58.410
_cell.angle_alpha   90.000
_cell.angle_beta   91.558
_cell.angle_gamma   90.000
#
_symmetry.space_group_name_H-M   'P 1 21 1'
#
loop_
_entity.id
_entity.type
_entity.pdbx_description
1 polymer 'Krev interaction trapped protein 1'
2 polymer 'Ras-related protein Rap-1b'
3 non-polymer 2-hydroxy-6-methoxynaphthalene-1-carbaldehyde
4 non-polymer 'MAGNESIUM ION'
5 non-polymer 'PHOSPHOAMINOPHOSPHONIC ACID-GUANYLATE ESTER'
6 water water
#
loop_
_entity_poly.entity_id
_entity_poly.type
_entity_poly.pdbx_seq_one_letter_code
_entity_poly.pdbx_strand_id
1 'polypeptide(L)'
;GAKPYEKVRIYRMDGSYRSVELKHGNNTTVQQIMEGMRLSQETQQYFTIWICSENLSLQLKPYHKPLQHVRDWPEILAEL
TNLDPQRETPQLFLRRDVRLPLEVEKQIEDPLAILILFDEARYNLLKGFYTAPDAKLITLASLLLQIVYGNYESKKHKQG
FLNEENLKSIVPVTKLKSKAPHWTNRILHEYKNLSTSEGVSKEMHHLQRMFLQNCWEIPTYGAAFFTGQIFTKASPSNHK
VIPVYVGVNIKGLHLLNMETKALLISLKYGCFMWQLGDTDTCFQIHSMENKMSFIVHTKQAGLVVKLLMKLNGQLMPTER
NS
;
A
2 'polypeptide(L)'
;MREYKLVVLGSGGVGKSALTVQFVQGIFVEKYDPTIEDSYRKQVEVDAQQCMLEILDTAGTEQFTAMRDLYMKNGQGFAL
VYSITAQSTFNDLQDLREQILRVKDTDDVPMILVGNKCDLEDERVVGKEQGQNLARQWNNCAFLESSAKSKINVNEIFYD
LVRQINR
;
B
#
# COMPACT_ATOMS: atom_id res chain seq x y z
N TYR A 5 11.15 3.78 24.23
CA TYR A 5 9.76 4.15 23.83
C TYR A 5 8.96 2.90 23.47
N GLU A 6 7.64 3.05 23.37
CA GLU A 6 6.80 2.08 22.69
C GLU A 6 6.56 2.58 21.28
N LYS A 7 6.27 1.66 20.37
CA LYS A 7 6.07 1.98 18.96
C LYS A 7 5.05 0.99 18.41
N VAL A 8 4.49 1.30 17.24
CA VAL A 8 3.56 0.40 16.59
C VAL A 8 3.83 0.47 15.10
N ARG A 9 3.47 -0.59 14.36
CA ARG A 9 3.51 -0.50 12.91
C ARG A 9 2.14 -0.14 12.37
N ILE A 10 2.13 0.89 11.53
CA ILE A 10 0.96 1.23 10.73
C ILE A 10 1.18 0.69 9.33
N TYR A 11 0.35 -0.29 8.97
CA TYR A 11 0.47 -0.98 7.69
C TYR A 11 -0.29 -0.21 6.61
N ARG A 12 0.08 -0.50 5.36
CA ARG A 12 -0.79 -0.14 4.26
C ARG A 12 -1.18 -1.41 3.52
N MET A 13 -2.07 -1.27 2.53
CA MET A 13 -2.71 -2.41 1.92
C MET A 13 -1.69 -3.26 1.16
N ASP A 14 -0.59 -2.65 0.71
CA ASP A 14 0.41 -3.32 -0.11
C ASP A 14 1.40 -4.09 0.77
N GLY A 15 1.21 -4.02 2.08
CA GLY A 15 2.04 -4.79 2.99
C GLY A 15 3.20 -3.97 3.55
N SER A 16 3.35 -2.72 3.08
CA SER A 16 4.33 -1.81 3.64
C SER A 16 3.88 -1.34 5.02
N TYR A 17 4.81 -0.78 5.80
CA TYR A 17 4.41 -0.17 7.06
C TYR A 17 5.35 0.95 7.44
N ARG A 18 4.91 1.77 8.40
CA ARG A 18 5.74 2.77 9.05
C ARG A 18 5.60 2.62 10.56
N SER A 19 6.75 2.59 11.27
CA SER A 19 6.74 2.57 12.72
C SER A 19 6.50 3.98 13.25
N VAL A 20 5.69 4.07 14.31
CA VAL A 20 5.34 5.35 14.90
C VAL A 20 5.53 5.24 16.41
N GLU A 21 6.21 6.22 16.99
CA GLU A 21 6.39 6.23 18.43
C GLU A 21 5.04 6.47 19.08
N LEU A 22 4.74 5.69 20.13
CA LEU A 22 3.55 5.89 20.94
C LEU A 22 3.93 6.75 22.13
N LYS A 23 3.77 8.07 21.99
CA LYS A 23 4.14 9.01 23.04
C LYS A 23 3.50 8.60 24.37
N HIS A 24 2.23 8.18 24.32
CA HIS A 24 1.47 7.92 25.53
C HIS A 24 1.09 6.45 25.64
N GLY A 25 1.95 5.56 25.16
CA GLY A 25 1.69 4.13 25.25
C GLY A 25 0.35 3.75 24.64
N ASN A 26 -0.40 2.88 25.32
CA ASN A 26 -1.65 2.40 24.76
C ASN A 26 -2.74 3.45 24.90
N ASN A 27 -2.40 4.64 25.43
CA ASN A 27 -3.36 5.74 25.52
C ASN A 27 -3.22 6.69 24.33
N THR A 28 -2.21 6.46 23.48
CA THR A 28 -2.01 7.26 22.28
C THR A 28 -3.26 7.15 21.42
N THR A 29 -3.71 8.29 20.90
CA THR A 29 -4.91 8.32 20.07
C THR A 29 -4.52 8.16 18.60
N VAL A 30 -5.54 7.92 17.78
CA VAL A 30 -5.45 7.94 16.33
C VAL A 30 -4.84 9.28 15.89
N GLN A 31 -5.36 10.37 16.46
CA GLN A 31 -4.92 11.72 16.16
C GLN A 31 -3.40 11.81 16.31
N GLN A 32 -2.88 11.39 17.47
CA GLN A 32 -1.47 11.52 17.77
C GLN A 32 -0.64 10.61 16.88
N ILE A 33 -1.22 9.46 16.50
CA ILE A 33 -0.56 8.51 15.62
C ILE A 33 -0.49 9.08 14.21
N MET A 34 -1.59 9.69 13.74
CA MET A 34 -1.60 10.30 12.42
C MET A 34 -0.51 11.35 12.33
N GLU A 35 -0.22 11.99 13.47
CA GLU A 35 0.76 13.06 13.52
C GLU A 35 2.16 12.47 13.38
N GLY A 36 2.37 11.33 14.03
CA GLY A 36 3.64 10.62 14.03
C GLY A 36 4.01 10.06 12.65
N MET A 37 3.08 10.13 11.69
CA MET A 37 3.38 9.72 10.33
C MET A 37 4.15 10.84 9.63
N ARG A 38 4.67 10.54 8.43
CA ARG A 38 5.32 11.53 7.59
C ARG A 38 4.33 12.05 6.55
N LEU A 39 3.14 12.44 7.00
CA LEU A 39 2.19 13.06 6.10
C LEU A 39 1.96 14.49 6.55
N SER A 40 1.81 15.40 5.57
CA SER A 40 1.45 16.78 5.84
C SER A 40 -0.05 16.85 6.14
N GLN A 41 -0.59 18.06 6.19
CA GLN A 41 -2.03 18.19 6.27
C GLN A 41 -2.64 18.01 4.87
N GLU A 42 -1.84 18.27 3.83
CA GLU A 42 -2.29 18.02 2.47
C GLU A 42 -2.33 16.52 2.18
N THR A 43 -1.97 15.71 3.18
CA THR A 43 -2.10 14.27 3.03
C THR A 43 -3.12 13.76 4.07
N GLN A 44 -2.92 14.15 5.34
CA GLN A 44 -3.59 13.52 6.48
C GLN A 44 -5.11 13.57 6.38
N GLN A 45 -5.65 14.55 5.64
CA GLN A 45 -7.07 14.82 5.66
C GLN A 45 -7.86 13.73 4.93
N TYR A 46 -7.19 12.90 4.12
CA TYR A 46 -7.88 11.93 3.29
C TYR A 46 -7.99 10.57 3.97
N PHE A 47 -7.24 10.40 5.06
CA PHE A 47 -6.97 9.07 5.57
C PHE A 47 -7.15 9.04 7.08
N THR A 48 -7.27 7.83 7.61
CA THR A 48 -7.30 7.65 9.05
C THR A 48 -6.83 6.24 9.36
N ILE A 49 -6.78 5.92 10.66
CA ILE A 49 -6.33 4.62 11.11
C ILE A 49 -7.52 3.68 11.14
N TRP A 50 -7.33 2.51 10.53
CA TRP A 50 -8.25 1.40 10.70
C TRP A 50 -7.61 0.31 11.56
N ILE A 51 -8.48 -0.50 12.16
CA ILE A 51 -8.04 -1.74 12.77
C ILE A 51 -8.68 -2.90 12.00
N CYS A 52 -7.85 -3.83 11.54
CA CYS A 52 -8.36 -4.95 10.78
C CYS A 52 -7.69 -6.26 11.19
N SER A 53 -8.52 -7.30 11.28
CA SER A 53 -8.10 -8.68 11.18
C SER A 53 -8.82 -9.29 9.98
N GLU A 54 -8.51 -10.55 9.66
CA GLU A 54 -8.95 -11.18 8.43
C GLU A 54 -10.46 -11.05 8.21
N ASN A 55 -11.25 -11.03 9.29
CA ASN A 55 -12.69 -11.03 9.06
C ASN A 55 -13.39 -9.87 9.76
N LEU A 56 -12.64 -8.84 10.18
CA LEU A 56 -13.29 -7.64 10.64
C LEU A 56 -12.38 -6.43 10.47
N SER A 57 -12.89 -5.42 9.78
CA SER A 57 -12.21 -4.16 9.53
C SER A 57 -13.03 -3.03 10.12
N LEU A 58 -12.39 -2.17 10.92
CA LEU A 58 -13.12 -1.06 11.50
C LEU A 58 -12.33 0.22 11.29
N GLN A 59 -13.03 1.30 10.91
CA GLN A 59 -12.41 2.61 10.87
C GLN A 59 -12.47 3.20 12.28
N LEU A 60 -11.31 3.65 12.77
CA LEU A 60 -11.26 4.29 14.07
C LEU A 60 -11.39 5.81 13.87
N LYS A 61 -11.77 6.50 14.96
CA LYS A 61 -12.00 7.94 14.96
C LYS A 61 -10.82 8.61 15.67
N PRO A 62 -10.59 9.95 15.49
CA PRO A 62 -9.41 10.61 16.05
C PRO A 62 -9.12 10.40 17.54
N TYR A 63 -10.19 10.26 18.34
CA TYR A 63 -10.13 10.14 19.80
C TYR A 63 -9.93 8.69 20.22
N HIS A 64 -10.12 7.74 19.27
CA HIS A 64 -9.93 6.34 19.61
C HIS A 64 -8.48 6.12 20.04
N LYS A 65 -8.29 5.13 20.92
CA LYS A 65 -6.98 4.63 21.27
C LYS A 65 -6.81 3.24 20.66
N PRO A 66 -6.12 3.15 19.51
CA PRO A 66 -6.03 1.89 18.76
C PRO A 66 -5.48 0.68 19.52
N LEU A 67 -4.48 0.90 20.38
CA LEU A 67 -3.86 -0.23 21.07
C LEU A 67 -4.81 -0.80 22.10
N GLN A 68 -5.81 0.01 22.48
CA GLN A 68 -6.83 -0.51 23.37
C GLN A 68 -7.82 -1.36 22.59
N HIS A 69 -8.02 -1.04 21.30
CA HIS A 69 -8.86 -1.87 20.45
C HIS A 69 -8.15 -3.18 20.11
N VAL A 70 -6.81 -3.13 19.97
CA VAL A 70 -6.03 -4.33 19.74
C VAL A 70 -6.16 -5.23 20.96
N ARG A 71 -6.03 -4.62 22.15
CA ARG A 71 -6.16 -5.31 23.42
C ARG A 71 -7.52 -6.00 23.50
N ASP A 72 -8.58 -5.26 23.19
CA ASP A 72 -9.95 -5.67 23.46
C ASP A 72 -10.54 -6.44 22.29
N TRP A 73 -9.69 -6.78 21.31
CA TRP A 73 -10.12 -7.34 20.04
C TRP A 73 -11.04 -8.56 20.23
N PRO A 74 -10.72 -9.55 21.11
CA PRO A 74 -11.59 -10.70 21.32
C PRO A 74 -13.02 -10.34 21.75
N GLU A 75 -13.16 -9.25 22.52
CA GLU A 75 -14.49 -8.81 22.92
C GLU A 75 -15.18 -8.12 21.75
N ILE A 76 -14.42 -7.37 20.96
CA ILE A 76 -14.96 -6.69 19.80
C ILE A 76 -15.45 -7.74 18.80
N LEU A 77 -14.62 -8.75 18.53
CA LEU A 77 -14.99 -9.82 17.63
C LEU A 77 -16.29 -10.49 18.08
N ALA A 78 -16.43 -10.68 19.40
CA ALA A 78 -17.53 -11.44 19.97
C ALA A 78 -18.81 -10.61 19.93
N GLU A 79 -18.64 -9.29 20.07
CA GLU A 79 -19.78 -8.38 20.02
C GLU A 79 -20.26 -8.22 18.58
N LEU A 80 -19.33 -8.12 17.63
CA LEU A 80 -19.69 -7.67 16.29
C LEU A 80 -19.82 -8.84 15.31
N THR A 81 -19.27 -10.01 15.68
CA THR A 81 -19.23 -11.13 14.77
C THR A 81 -19.42 -12.44 15.52
N ASN A 82 -19.38 -13.53 14.74
CA ASN A 82 -19.53 -14.89 15.26
C ASN A 82 -18.25 -15.68 15.04
N LEU A 83 -17.13 -14.98 14.85
CA LEU A 83 -15.91 -15.62 14.38
C LEU A 83 -15.12 -16.25 15.53
N ASP A 84 -14.01 -16.91 15.17
CA ASP A 84 -13.13 -17.64 16.07
C ASP A 84 -11.99 -16.74 16.51
N PRO A 85 -12.05 -16.15 17.73
CA PRO A 85 -11.10 -15.09 18.13
C PRO A 85 -9.62 -15.49 18.17
N GLN A 86 -9.34 -16.79 17.98
CA GLN A 86 -8.00 -17.35 18.05
C GLN A 86 -7.24 -17.04 16.76
N ARG A 87 -8.00 -16.89 15.66
CA ARG A 87 -7.41 -16.80 14.33
C ARG A 87 -7.13 -15.34 13.97
N GLU A 88 -7.68 -14.41 14.74
CA GLU A 88 -7.57 -13.01 14.39
C GLU A 88 -6.68 -12.29 15.42
N THR A 89 -5.47 -11.94 14.99
CA THR A 89 -4.78 -10.83 15.60
C THR A 89 -4.95 -9.64 14.66
N PRO A 90 -5.44 -8.50 15.18
CA PRO A 90 -5.64 -7.31 14.36
C PRO A 90 -4.30 -6.62 14.14
N GLN A 91 -4.25 -5.82 13.08
CA GLN A 91 -3.16 -4.87 12.90
C GLN A 91 -3.81 -3.53 12.56
N LEU A 92 -3.01 -2.47 12.61
CA LEU A 92 -3.46 -1.13 12.29
C LEU A 92 -3.03 -0.75 10.88
N PHE A 93 -3.93 -0.10 10.15
CA PHE A 93 -3.66 0.31 8.79
C PHE A 93 -4.05 1.76 8.60
N LEU A 94 -3.32 2.44 7.73
CA LEU A 94 -3.72 3.75 7.24
C LEU A 94 -4.49 3.52 5.93
N ARG A 95 -5.73 3.99 5.90
CA ARG A 95 -6.59 3.78 4.73
C ARG A 95 -7.39 5.05 4.48
N ARG A 96 -8.05 5.08 3.32
CA ARG A 96 -8.96 6.16 2.98
C ARG A 96 -10.05 6.28 4.04
N ASP A 97 -10.41 7.54 4.35
CA ASP A 97 -11.55 7.82 5.19
C ASP A 97 -12.81 7.48 4.41
N VAL A 98 -13.68 6.63 4.98
CA VAL A 98 -14.92 6.22 4.33
C VAL A 98 -15.81 7.45 4.12
N ARG A 99 -15.58 8.51 4.91
CA ARG A 99 -16.42 9.70 4.81
C ARG A 99 -15.92 10.63 3.70
N LEU A 100 -14.76 10.32 3.11
CA LEU A 100 -14.19 11.25 2.15
C LEU A 100 -15.13 11.42 0.97
N PRO A 101 -15.72 12.62 0.75
CA PRO A 101 -16.55 12.84 -0.43
C PRO A 101 -15.77 12.64 -1.73
N LEU A 102 -16.44 12.05 -2.71
CA LEU A 102 -15.83 11.85 -4.01
C LEU A 102 -15.37 13.18 -4.60
N GLU A 103 -16.20 14.23 -4.44
CA GLU A 103 -15.90 15.55 -4.96
C GLU A 103 -14.56 16.04 -4.40
N VAL A 104 -14.30 15.72 -3.14
CA VAL A 104 -13.07 16.16 -2.48
C VAL A 104 -11.89 15.37 -3.01
N GLU A 105 -12.11 14.06 -3.24
CA GLU A 105 -11.06 13.18 -3.71
C GLU A 105 -10.60 13.62 -5.09
N LYS A 106 -11.55 14.15 -5.89
CA LYS A 106 -11.24 14.59 -7.24
C LYS A 106 -10.33 15.83 -7.22
N GLN A 107 -10.33 16.57 -6.09
CA GLN A 107 -9.49 17.74 -5.90
C GLN A 107 -8.00 17.35 -5.82
N ILE A 108 -7.73 16.09 -5.43
CA ILE A 108 -6.42 15.75 -4.87
C ILE A 108 -5.33 15.81 -5.94
N GLU A 109 -4.22 16.47 -5.58
CA GLU A 109 -3.08 16.63 -6.46
C GLU A 109 -1.83 16.00 -5.84
N ASP A 110 -1.84 15.85 -4.52
CA ASP A 110 -0.66 15.41 -3.78
C ASP A 110 -0.24 14.02 -4.25
N PRO A 111 0.99 13.84 -4.78
CA PRO A 111 1.46 12.52 -5.20
C PRO A 111 1.38 11.43 -4.14
N LEU A 112 1.70 11.75 -2.88
CA LEU A 112 1.66 10.72 -1.85
C LEU A 112 0.23 10.27 -1.60
N ALA A 113 -0.70 11.23 -1.54
CA ALA A 113 -2.09 10.91 -1.30
C ALA A 113 -2.63 10.06 -2.44
N ILE A 114 -2.20 10.40 -3.67
CA ILE A 114 -2.65 9.67 -4.84
C ILE A 114 -2.18 8.23 -4.77
N LEU A 115 -0.90 8.00 -4.45
CA LEU A 115 -0.41 6.63 -4.49
C LEU A 115 -1.01 5.82 -3.34
N ILE A 116 -1.30 6.47 -2.21
CA ILE A 116 -1.90 5.73 -1.10
C ILE A 116 -3.32 5.33 -1.49
N LEU A 117 -4.07 6.25 -2.10
CA LEU A 117 -5.42 5.95 -2.53
C LEU A 117 -5.38 4.88 -3.62
N PHE A 118 -4.40 5.02 -4.50
CA PHE A 118 -4.19 4.10 -5.61
C PHE A 118 -3.92 2.68 -5.11
N ASP A 119 -3.01 2.54 -4.14
CA ASP A 119 -2.61 1.23 -3.65
CA ASP A 119 -2.62 1.22 -3.67
C ASP A 119 -3.83 0.51 -3.08
N GLU A 120 -4.64 1.27 -2.34
CA GLU A 120 -5.84 0.73 -1.70
C GLU A 120 -6.86 0.34 -2.76
N ALA A 121 -7.03 1.19 -3.77
CA ALA A 121 -7.95 0.92 -4.86
C ALA A 121 -7.55 -0.36 -5.58
N ARG A 122 -6.25 -0.49 -5.84
CA ARG A 122 -5.71 -1.63 -6.57
C ARG A 122 -5.98 -2.90 -5.77
N TYR A 123 -5.78 -2.81 -4.46
CA TYR A 123 -6.02 -3.91 -3.56
C TYR A 123 -7.46 -4.40 -3.69
N ASN A 124 -8.42 -3.47 -3.66
CA ASN A 124 -9.84 -3.80 -3.73
C ASN A 124 -10.15 -4.46 -5.06
N LEU A 125 -9.53 -3.96 -6.13
CA LEU A 125 -9.77 -4.47 -7.48
C LEU A 125 -9.34 -5.92 -7.56
N LEU A 126 -8.10 -6.19 -7.11
CA LEU A 126 -7.53 -7.51 -7.28
C LEU A 126 -8.26 -8.52 -6.41
N LYS A 127 -8.90 -8.04 -5.34
CA LYS A 127 -9.60 -8.95 -4.43
C LYS A 127 -11.01 -9.24 -4.94
N GLY A 128 -11.50 -8.45 -5.90
CA GLY A 128 -12.81 -8.68 -6.47
C GLY A 128 -13.92 -7.82 -5.86
N PHE A 129 -13.55 -6.78 -5.12
CA PHE A 129 -14.54 -5.97 -4.42
C PHE A 129 -15.12 -4.90 -5.34
N TYR A 130 -14.53 -4.72 -6.52
CA TYR A 130 -15.05 -3.76 -7.47
C TYR A 130 -15.79 -4.49 -8.59
N THR A 131 -17.10 -4.26 -8.71
CA THR A 131 -17.88 -4.79 -9.81
C THR A 131 -18.00 -3.74 -10.91
N ALA A 132 -17.67 -4.16 -12.13
CA ALA A 132 -17.62 -3.27 -13.27
C ALA A 132 -17.65 -4.10 -14.55
N PRO A 133 -18.19 -3.54 -15.66
CA PRO A 133 -18.12 -4.20 -16.96
C PRO A 133 -16.68 -4.46 -17.39
N ASP A 134 -16.51 -5.59 -18.08
CA ASP A 134 -15.25 -6.10 -18.60
C ASP A 134 -14.43 -4.98 -19.27
N ALA A 135 -15.10 -4.05 -19.95
CA ALA A 135 -14.40 -2.97 -20.62
C ALA A 135 -13.58 -2.19 -19.60
N LYS A 136 -14.26 -1.77 -18.53
CA LYS A 136 -13.67 -0.99 -17.46
C LYS A 136 -12.54 -1.78 -16.79
N LEU A 137 -12.77 -3.08 -16.54
CA LEU A 137 -11.77 -3.90 -15.88
C LEU A 137 -10.51 -4.00 -16.74
N ILE A 138 -10.70 -4.00 -18.07
CA ILE A 138 -9.60 -4.12 -19.01
C ILE A 138 -8.78 -2.84 -19.02
N THR A 139 -9.46 -1.70 -18.95
CA THR A 139 -8.78 -0.41 -18.90
C THR A 139 -7.86 -0.41 -17.68
N LEU A 140 -8.46 -0.73 -16.53
CA LEU A 140 -7.76 -0.77 -15.26
C LEU A 140 -6.54 -1.69 -15.37
N ALA A 141 -6.72 -2.86 -15.99
CA ALA A 141 -5.59 -3.77 -16.19
C ALA A 141 -4.48 -3.11 -17.02
N SER A 142 -4.84 -2.38 -18.07
CA SER A 142 -3.83 -1.80 -18.95
C SER A 142 -3.02 -0.74 -18.20
N LEU A 143 -3.70 0.00 -17.32
CA LEU A 143 -3.09 1.05 -16.53
C LEU A 143 -2.10 0.45 -15.53
N LEU A 144 -2.45 -0.70 -14.94
CA LEU A 144 -1.53 -1.34 -14.01
C LEU A 144 -0.32 -1.87 -14.78
N LEU A 145 -0.52 -2.28 -16.03
CA LEU A 145 0.63 -2.73 -16.81
C LEU A 145 1.62 -1.58 -16.97
N GLN A 146 1.11 -0.43 -17.43
CA GLN A 146 1.89 0.79 -17.56
C GLN A 146 2.56 1.13 -16.23
N ILE A 147 1.77 1.08 -15.15
CA ILE A 147 2.23 1.54 -13.84
C ILE A 147 3.35 0.62 -13.34
N VAL A 148 3.16 -0.69 -13.48
CA VAL A 148 4.01 -1.67 -12.81
C VAL A 148 5.15 -2.13 -13.72
N TYR A 149 4.89 -2.22 -15.03
CA TYR A 149 5.86 -2.78 -15.96
C TYR A 149 6.49 -1.69 -16.84
N GLY A 150 5.90 -0.48 -16.81
CA GLY A 150 6.35 0.60 -17.66
C GLY A 150 5.86 0.42 -19.09
N ASN A 151 6.54 1.11 -20.03
CA ASN A 151 6.17 1.15 -21.43
C ASN A 151 6.08 -0.25 -22.02
N TYR A 152 5.06 -0.44 -22.87
CA TYR A 152 4.84 -1.63 -23.68
C TYR A 152 6.01 -1.80 -24.65
N GLU A 153 6.42 -3.06 -24.82
CA GLU A 153 7.43 -3.43 -25.79
C GLU A 153 7.01 -4.72 -26.48
N SER A 154 6.94 -4.62 -27.81
CA SER A 154 6.46 -5.70 -28.67
C SER A 154 7.22 -6.97 -28.33
N LYS A 155 8.54 -6.81 -28.21
CA LYS A 155 9.47 -7.87 -27.86
C LYS A 155 8.98 -8.59 -26.60
N LYS A 156 8.92 -7.84 -25.50
CA LYS A 156 8.71 -8.37 -24.17
C LYS A 156 7.26 -8.78 -23.93
N HIS A 157 6.30 -8.09 -24.56
CA HIS A 157 4.93 -8.18 -24.08
C HIS A 157 3.98 -8.85 -25.07
N LYS A 158 4.37 -8.96 -26.35
CA LYS A 158 3.44 -9.30 -27.41
C LYS A 158 2.80 -10.67 -27.20
N GLN A 159 3.59 -11.67 -26.80
CA GLN A 159 3.06 -13.02 -26.71
C GLN A 159 3.73 -13.79 -25.57
N GLY A 160 2.92 -14.64 -24.92
CA GLY A 160 3.33 -15.42 -23.77
C GLY A 160 3.93 -14.53 -22.67
N PHE A 161 3.27 -13.38 -22.43
CA PHE A 161 3.65 -12.49 -21.35
C PHE A 161 2.59 -12.58 -20.24
N LEU A 162 1.33 -12.29 -20.59
CA LEU A 162 0.22 -12.40 -19.66
C LEU A 162 -0.19 -13.87 -19.50
N ASN A 163 0.60 -14.64 -18.75
CA ASN A 163 0.12 -15.90 -18.24
C ASN A 163 -0.72 -15.61 -17.00
N GLU A 164 -1.17 -16.65 -16.31
CA GLU A 164 -1.96 -16.46 -15.10
C GLU A 164 -1.13 -15.71 -14.06
N GLU A 165 0.19 -15.89 -14.12
CA GLU A 165 1.10 -15.30 -13.14
C GLU A 165 1.01 -13.77 -13.23
N ASN A 166 1.14 -13.24 -14.45
CA ASN A 166 1.11 -11.81 -14.67
C ASN A 166 -0.31 -11.28 -14.55
N LEU A 167 -1.28 -12.07 -15.05
CA LEU A 167 -2.67 -11.66 -15.09
C LEU A 167 -3.17 -11.37 -13.68
N LYS A 168 -2.60 -12.09 -12.71
CA LYS A 168 -3.05 -12.13 -11.33
C LYS A 168 -2.83 -10.77 -10.68
N SER A 169 -1.87 -10.02 -11.22
CA SER A 169 -1.51 -8.75 -10.59
C SER A 169 -2.32 -7.60 -11.21
N ILE A 170 -3.20 -7.89 -12.18
CA ILE A 170 -3.83 -6.83 -12.94
C ILE A 170 -5.34 -7.02 -13.10
N VAL A 171 -5.87 -8.22 -12.78
CA VAL A 171 -7.31 -8.43 -12.89
C VAL A 171 -7.87 -8.95 -11.56
N PRO A 172 -9.17 -8.71 -11.28
CA PRO A 172 -9.81 -9.26 -10.08
C PRO A 172 -9.62 -10.78 -10.05
N VAL A 173 -9.34 -11.30 -8.85
CA VAL A 173 -9.10 -12.73 -8.66
C VAL A 173 -10.34 -13.53 -9.05
N THR A 174 -11.51 -12.89 -8.98
CA THR A 174 -12.78 -13.58 -9.21
C THR A 174 -12.97 -13.84 -10.70
N LYS A 175 -12.11 -13.24 -11.53
CA LYS A 175 -12.24 -13.31 -12.97
C LYS A 175 -11.01 -13.97 -13.59
N LEU A 176 -10.01 -14.26 -12.75
CA LEU A 176 -8.72 -14.73 -13.21
C LEU A 176 -8.88 -15.95 -14.13
N LYS A 177 -9.95 -16.74 -13.94
CA LYS A 177 -10.10 -18.02 -14.61
C LYS A 177 -11.08 -17.95 -15.78
N SER A 178 -12.28 -17.42 -15.52
CA SER A 178 -13.38 -17.58 -16.46
C SER A 178 -13.30 -16.57 -17.59
N LYS A 179 -12.92 -15.33 -17.26
CA LYS A 179 -13.05 -14.22 -18.18
C LYS A 179 -11.69 -13.66 -18.59
N ALA A 180 -10.75 -13.60 -17.64
CA ALA A 180 -9.48 -12.91 -17.84
C ALA A 180 -8.69 -13.51 -19.01
N PRO A 181 -8.58 -14.85 -19.15
CA PRO A 181 -7.81 -15.45 -20.25
C PRO A 181 -8.26 -14.92 -21.61
N HIS A 182 -9.57 -14.63 -21.74
CA HIS A 182 -10.11 -14.14 -23.00
C HIS A 182 -9.73 -12.68 -23.21
N TRP A 183 -9.25 -12.03 -22.16
CA TRP A 183 -9.09 -10.58 -22.19
C TRP A 183 -7.71 -10.18 -22.70
N THR A 184 -6.78 -11.12 -22.68
CA THR A 184 -5.36 -10.80 -22.67
C THR A 184 -4.98 -9.94 -23.88
N ASN A 185 -5.66 -10.16 -25.02
CA ASN A 185 -5.40 -9.46 -26.27
C ASN A 185 -5.78 -7.98 -26.14
N ARG A 186 -6.93 -7.72 -25.50
CA ARG A 186 -7.47 -6.38 -25.45
C ARG A 186 -6.76 -5.56 -24.37
N ILE A 187 -6.22 -6.24 -23.35
CA ILE A 187 -5.40 -5.57 -22.36
C ILE A 187 -4.13 -5.06 -23.02
N LEU A 188 -3.42 -5.96 -23.71
CA LEU A 188 -2.19 -5.63 -24.40
C LEU A 188 -2.42 -4.46 -25.37
N HIS A 189 -3.55 -4.49 -26.08
CA HIS A 189 -3.88 -3.47 -27.06
C HIS A 189 -3.96 -2.09 -26.40
N GLU A 190 -4.69 -2.02 -25.28
CA GLU A 190 -4.86 -0.77 -24.56
C GLU A 190 -3.57 -0.36 -23.87
N TYR A 191 -2.81 -1.36 -23.42
CA TYR A 191 -1.49 -1.13 -22.85
C TYR A 191 -0.60 -0.47 -23.90
N LYS A 192 -0.42 -1.15 -25.05
CA LYS A 192 0.33 -0.61 -26.17
C LYS A 192 -0.12 0.81 -26.46
N ASN A 193 -1.46 1.01 -26.55
CA ASN A 193 -2.02 2.30 -26.88
C ASN A 193 -1.59 3.36 -25.87
N LEU A 194 -1.51 2.97 -24.59
CA LEU A 194 -1.10 3.87 -23.52
C LEU A 194 0.34 4.31 -23.72
N SER A 195 1.20 3.30 -23.97
CA SER A 195 2.63 3.46 -24.08
C SER A 195 2.98 4.44 -25.20
N THR A 196 2.38 4.21 -26.38
CA THR A 196 2.71 4.98 -27.57
C THR A 196 2.00 6.34 -27.55
N SER A 197 0.92 6.45 -26.76
CA SER A 197 0.17 7.69 -26.66
C SER A 197 1.02 8.75 -25.97
N GLU A 198 1.27 9.86 -26.67
CA GLU A 198 2.07 10.94 -26.14
C GLU A 198 1.15 11.97 -25.47
N GLY A 199 -0.17 11.76 -25.61
CA GLY A 199 -1.17 12.60 -24.98
C GLY A 199 -1.51 12.14 -23.56
N VAL A 200 -0.86 11.04 -23.13
CA VAL A 200 -1.10 10.46 -21.81
C VAL A 200 0.19 10.54 -21.00
N SER A 201 0.19 11.40 -19.98
CA SER A 201 1.35 11.59 -19.10
C SER A 201 1.75 10.26 -18.46
N LYS A 202 3.06 10.01 -18.40
CA LYS A 202 3.59 8.74 -17.91
C LYS A 202 4.19 8.94 -16.52
N GLU A 203 4.07 10.17 -16.03
CA GLU A 203 4.29 10.50 -14.62
C GLU A 203 3.46 9.55 -13.77
N MET A 204 4.10 8.99 -12.74
CA MET A 204 3.51 7.96 -11.91
C MET A 204 2.19 8.44 -11.33
N HIS A 205 2.21 9.62 -10.69
CA HIS A 205 1.00 10.12 -10.03
C HIS A 205 -0.10 10.44 -11.04
N HIS A 206 0.26 10.77 -12.29
CA HIS A 206 -0.74 11.01 -13.33
C HIS A 206 -1.41 9.70 -13.71
N LEU A 207 -0.61 8.67 -13.98
CA LEU A 207 -1.12 7.35 -14.32
C LEU A 207 -1.95 6.78 -13.17
N GLN A 208 -1.48 6.96 -11.93
CA GLN A 208 -2.21 6.48 -10.77
C GLN A 208 -3.54 7.23 -10.68
N ARG A 209 -3.54 8.53 -11.02
CA ARG A 209 -4.75 9.33 -10.86
C ARG A 209 -5.80 8.87 -11.86
N MET A 210 -5.34 8.49 -13.06
CA MET A 210 -6.17 7.95 -14.13
C MET A 210 -6.83 6.66 -13.66
N PHE A 211 -6.01 5.75 -13.12
CA PHE A 211 -6.53 4.51 -12.56
C PHE A 211 -7.70 4.84 -11.64
N LEU A 212 -7.47 5.80 -10.73
CA LEU A 212 -8.45 6.18 -9.72
C LEU A 212 -9.71 6.72 -10.39
N GLN A 213 -9.55 7.59 -11.39
CA GLN A 213 -10.68 8.19 -12.10
C GLN A 213 -11.58 7.09 -12.64
N ASN A 214 -10.96 5.99 -13.10
CA ASN A 214 -11.71 4.85 -13.57
C ASN A 214 -12.43 4.15 -12.41
N CYS A 215 -11.83 4.21 -11.21
CA CYS A 215 -12.44 3.54 -10.07
C CYS A 215 -13.58 4.39 -9.50
N TRP A 216 -13.52 5.69 -9.74
CA TRP A 216 -14.49 6.58 -9.12
C TRP A 216 -15.91 6.28 -9.60
N GLU A 217 -16.03 5.60 -10.75
CA GLU A 217 -17.35 5.37 -11.31
C GLU A 217 -17.90 4.02 -10.84
N ILE A 218 -17.05 3.18 -10.26
CA ILE A 218 -17.49 1.87 -9.79
C ILE A 218 -18.36 2.06 -8.55
N PRO A 219 -19.54 1.38 -8.46
CA PRO A 219 -20.51 1.69 -7.41
C PRO A 219 -19.99 1.49 -5.98
N THR A 220 -19.11 0.51 -5.79
CA THR A 220 -18.61 0.16 -4.46
C THR A 220 -17.36 0.96 -4.08
N TYR A 221 -16.95 1.91 -4.92
CA TYR A 221 -15.67 2.58 -4.68
C TYR A 221 -15.64 3.16 -3.27
N GLY A 222 -14.57 2.85 -2.51
CA GLY A 222 -14.34 3.44 -1.21
C GLY A 222 -15.29 2.91 -0.14
N ALA A 223 -15.94 1.78 -0.41
CA ALA A 223 -16.90 1.20 0.53
C ALA A 223 -16.18 0.58 1.73
N ALA A 224 -16.74 0.79 2.93
CA ALA A 224 -16.50 -0.09 4.06
C ALA A 224 -17.37 -1.34 3.87
N PHE A 225 -16.77 -2.51 4.12
CA PHE A 225 -17.46 -3.79 3.99
C PHE A 225 -17.72 -4.39 5.36
N PHE A 226 -18.99 -4.75 5.61
CA PHE A 226 -19.36 -5.51 6.78
C PHE A 226 -19.87 -6.87 6.28
N THR A 227 -19.97 -7.82 7.19
CA THR A 227 -20.50 -9.12 6.82
C THR A 227 -21.86 -9.34 7.48
N GLY A 228 -22.71 -10.10 6.81
CA GLY A 228 -23.92 -10.63 7.41
C GLY A 228 -24.54 -11.70 6.53
N GLN A 229 -25.83 -11.93 6.72
CA GLN A 229 -26.52 -12.96 5.96
C GLN A 229 -27.89 -12.47 5.54
N ILE A 230 -28.30 -12.93 4.34
CA ILE A 230 -29.68 -12.80 3.90
C ILE A 230 -30.24 -14.20 3.71
N PHE A 231 -31.57 -14.30 3.75
CA PHE A 231 -32.30 -15.53 3.48
C PHE A 231 -33.19 -15.31 2.27
N THR A 232 -33.18 -16.27 1.33
CA THR A 232 -33.76 -16.08 0.01
C THR A 232 -35.28 -16.24 0.07
N ASN A 238 -36.53 -24.17 1.48
CA ASN A 238 -36.63 -23.23 0.33
C ASN A 238 -36.14 -21.84 0.76
N HIS A 239 -35.96 -21.64 2.07
CA HIS A 239 -35.23 -20.51 2.61
C HIS A 239 -33.75 -20.90 2.70
N LYS A 240 -32.90 -20.18 1.95
CA LYS A 240 -31.50 -20.53 1.88
C LYS A 240 -30.69 -19.35 2.40
N VAL A 241 -29.68 -19.66 3.23
CA VAL A 241 -28.79 -18.65 3.78
C VAL A 241 -27.78 -18.27 2.70
N ILE A 242 -27.66 -16.97 2.44
CA ILE A 242 -26.63 -16.43 1.56
C ILE A 242 -25.77 -15.48 2.38
N PRO A 243 -24.49 -15.85 2.66
CA PRO A 243 -23.57 -14.93 3.33
C PRO A 243 -23.26 -13.78 2.37
N VAL A 244 -23.18 -12.56 2.94
CA VAL A 244 -23.03 -11.36 2.13
C VAL A 244 -21.96 -10.45 2.74
N TYR A 245 -21.32 -9.68 1.86
CA TYR A 245 -20.69 -8.43 2.23
C TYR A 245 -21.70 -7.31 2.05
N VAL A 246 -21.80 -6.46 3.08
CA VAL A 246 -22.56 -5.23 3.02
C VAL A 246 -21.57 -4.09 2.83
N GLY A 247 -21.61 -3.47 1.65
CA GLY A 247 -20.74 -2.34 1.32
C GLY A 247 -21.48 -1.01 1.45
N VAL A 248 -20.95 -0.13 2.32
CA VAL A 248 -21.47 1.21 2.54
C VAL A 248 -20.39 2.20 2.11
N ASN A 249 -20.71 3.06 1.15
CA ASN A 249 -19.79 4.12 0.78
C ASN A 249 -20.57 5.42 0.62
N ILE A 250 -19.89 6.44 0.08
CA ILE A 250 -20.46 7.77 0.01
C ILE A 250 -21.60 7.80 -1.02
N LYS A 251 -21.71 6.74 -1.84
CA LYS A 251 -22.71 6.68 -2.89
C LYS A 251 -23.99 6.01 -2.39
N GLY A 252 -23.84 5.04 -1.47
CA GLY A 252 -24.98 4.27 -1.00
C GLY A 252 -24.58 2.93 -0.41
N LEU A 253 -25.42 1.93 -0.68
CA LEU A 253 -25.29 0.60 -0.10
C LEU A 253 -25.31 -0.46 -1.20
N HIS A 254 -24.49 -1.48 -1.00
CA HIS A 254 -24.21 -2.51 -2.00
C HIS A 254 -24.08 -3.84 -1.30
N LEU A 255 -24.73 -4.86 -1.85
CA LEU A 255 -24.60 -6.23 -1.34
C LEU A 255 -23.78 -7.04 -2.33
N LEU A 256 -22.77 -7.73 -1.80
CA LEU A 256 -22.00 -8.68 -2.57
C LEU A 256 -22.30 -10.08 -2.04
N ASN A 257 -22.50 -11.02 -2.97
CA ASN A 257 -22.42 -12.41 -2.56
C ASN A 257 -21.03 -12.63 -1.99
N MET A 258 -20.95 -13.21 -0.79
CA MET A 258 -19.68 -13.28 -0.07
C MET A 258 -18.70 -14.21 -0.79
N GLU A 259 -19.22 -15.23 -1.46
CA GLU A 259 -18.37 -16.30 -1.99
C GLU A 259 -17.82 -15.91 -3.36
N THR A 260 -18.65 -15.22 -4.16
CA THR A 260 -18.35 -14.94 -5.55
C THR A 260 -18.04 -13.46 -5.73
N LYS A 261 -18.34 -12.67 -4.69
CA LYS A 261 -18.26 -11.22 -4.72
C LYS A 261 -19.16 -10.65 -5.82
N ALA A 262 -20.08 -11.47 -6.34
CA ALA A 262 -21.09 -11.01 -7.28
C ALA A 262 -21.92 -9.90 -6.64
N LEU A 263 -22.25 -8.88 -7.45
CA LEU A 263 -23.01 -7.73 -7.00
C LEU A 263 -24.50 -8.07 -7.04
N LEU A 264 -25.10 -8.17 -5.85
CA LEU A 264 -26.50 -8.56 -5.70
C LEU A 264 -27.41 -7.35 -5.87
N ILE A 265 -27.18 -6.28 -5.10
CA ILE A 265 -27.87 -5.03 -5.35
C ILE A 265 -26.97 -3.83 -5.03
N SER A 266 -27.29 -2.70 -5.65
CA SER A 266 -26.57 -1.46 -5.45
C SER A 266 -27.58 -0.32 -5.45
N LEU A 267 -27.66 0.39 -4.32
CA LEU A 267 -28.69 1.40 -4.10
C LEU A 267 -28.03 2.73 -3.74
N LYS A 268 -28.44 3.80 -4.44
CA LYS A 268 -27.97 5.14 -4.17
C LYS A 268 -28.83 5.75 -3.09
N TYR A 269 -28.20 6.58 -2.23
CA TYR A 269 -28.88 7.35 -1.19
C TYR A 269 -30.01 8.16 -1.82
N GLY A 270 -31.17 8.15 -1.16
CA GLY A 270 -32.35 8.81 -1.69
C GLY A 270 -33.25 7.85 -2.48
N CYS A 271 -32.77 6.63 -2.75
CA CYS A 271 -33.56 5.64 -3.46
C CYS A 271 -33.85 4.43 -2.57
N PHE A 272 -33.56 4.55 -1.28
CA PHE A 272 -33.79 3.43 -0.38
C PHE A 272 -33.86 3.94 1.05
N MET A 273 -34.49 3.12 1.91
CA MET A 273 -34.66 3.46 3.30
C MET A 273 -34.16 2.28 4.12
N TRP A 274 -33.78 2.56 5.37
CA TRP A 274 -33.29 1.51 6.23
C TRP A 274 -34.00 1.59 7.57
N GLN A 275 -33.99 0.46 8.28
CA GLN A 275 -34.57 0.38 9.60
C GLN A 275 -33.72 -0.60 10.41
N LEU A 276 -33.22 -0.12 11.55
CA LEU A 276 -32.45 -0.99 12.41
C LEU A 276 -33.41 -1.87 13.21
N GLY A 277 -33.19 -3.18 13.17
CA GLY A 277 -33.86 -4.08 14.08
C GLY A 277 -33.67 -3.61 15.52
N ASP A 278 -34.72 -3.72 16.33
CA ASP A 278 -34.69 -3.33 17.73
C ASP A 278 -33.61 -4.13 18.46
N THR A 279 -33.33 -5.33 17.94
CA THR A 279 -32.41 -6.28 18.56
C THR A 279 -30.95 -5.87 18.32
N ASP A 280 -30.72 -5.04 17.29
CA ASP A 280 -29.42 -4.48 16.95
C ASP A 280 -28.55 -5.50 16.22
N THR A 281 -29.21 -6.45 15.54
CA THR A 281 -28.55 -7.62 14.98
C THR A 281 -29.08 -7.86 13.56
N CYS A 282 -29.90 -6.93 13.08
CA CYS A 282 -30.33 -6.95 11.70
C CYS A 282 -30.82 -5.56 11.33
N PHE A 283 -30.96 -5.35 10.02
CA PHE A 283 -31.57 -4.13 9.51
C PHE A 283 -32.35 -4.47 8.25
N GLN A 284 -33.37 -3.67 8.00
CA GLN A 284 -34.17 -3.83 6.80
C GLN A 284 -33.84 -2.68 5.85
N ILE A 285 -33.81 -3.03 4.55
CA ILE A 285 -33.65 -2.07 3.47
C ILE A 285 -34.93 -2.11 2.64
N HIS A 286 -35.56 -0.93 2.49
CA HIS A 286 -36.71 -0.79 1.63
C HIS A 286 -36.27 -0.04 0.39
N SER A 287 -36.29 -0.71 -0.77
CA SER A 287 -35.82 -0.08 -1.98
C SER A 287 -36.98 0.60 -2.70
N MET A 288 -37.15 1.91 -2.45
CA MET A 288 -38.21 2.64 -3.12
C MET A 288 -37.90 2.77 -4.62
N GLU A 289 -38.83 3.40 -5.34
CA GLU A 289 -38.97 3.24 -6.78
C GLU A 289 -38.89 1.75 -7.10
N ASN A 290 -39.56 0.96 -6.25
CA ASN A 290 -39.59 -0.50 -6.29
C ASN A 290 -40.49 -1.03 -5.17
N LYS A 291 -40.86 -2.31 -5.30
CA LYS A 291 -41.60 -3.02 -4.26
C LYS A 291 -40.62 -3.92 -3.51
N MET A 292 -39.35 -3.50 -3.52
CA MET A 292 -38.25 -4.33 -3.10
C MET A 292 -37.88 -3.98 -1.66
N SER A 293 -37.66 -5.01 -0.83
CA SER A 293 -37.17 -4.87 0.53
C SER A 293 -36.40 -6.14 0.89
N PHE A 294 -35.42 -6.03 1.78
CA PHE A 294 -34.71 -7.22 2.20
C PHE A 294 -34.12 -6.98 3.58
N ILE A 295 -33.80 -8.08 4.27
CA ILE A 295 -33.36 -8.00 5.63
C ILE A 295 -31.98 -8.64 5.75
N VAL A 296 -31.03 -7.89 6.33
CA VAL A 296 -29.68 -8.39 6.54
C VAL A 296 -29.48 -8.67 8.02
N HIS A 297 -29.09 -9.91 8.33
CA HIS A 297 -28.73 -10.35 9.67
C HIS A 297 -27.23 -10.20 9.85
N THR A 298 -26.82 -9.45 10.88
CA THR A 298 -25.42 -9.19 11.18
C THR A 298 -25.36 -8.45 12.51
N LYS A 299 -24.36 -8.80 13.33
CA LYS A 299 -24.18 -8.11 14.61
C LYS A 299 -23.50 -6.76 14.37
N GLN A 300 -23.21 -6.45 13.10
CA GLN A 300 -22.68 -5.17 12.69
C GLN A 300 -23.80 -4.22 12.27
N ALA A 301 -25.06 -4.66 12.44
CA ALA A 301 -26.24 -3.95 11.97
C ALA A 301 -26.23 -2.48 12.41
N GLY A 302 -25.86 -2.25 13.66
CA GLY A 302 -25.83 -0.92 14.26
C GLY A 302 -24.76 -0.02 13.63
N LEU A 303 -23.57 -0.57 13.40
CA LEU A 303 -22.50 0.18 12.76
C LEU A 303 -22.94 0.58 11.36
N VAL A 304 -23.51 -0.40 10.65
CA VAL A 304 -23.93 -0.24 9.27
C VAL A 304 -24.90 0.93 9.16
N VAL A 305 -25.87 0.96 10.08
CA VAL A 305 -26.94 1.93 10.03
C VAL A 305 -26.41 3.32 10.42
N LYS A 306 -25.58 3.37 11.46
CA LYS A 306 -24.90 4.61 11.85
C LYS A 306 -24.16 5.20 10.64
N LEU A 307 -23.54 4.32 9.85
CA LEU A 307 -22.71 4.76 8.74
C LEU A 307 -23.59 5.22 7.58
N LEU A 308 -24.67 4.48 7.32
CA LEU A 308 -25.64 4.90 6.33
C LEU A 308 -26.12 6.30 6.67
N MET A 309 -26.55 6.50 7.91
CA MET A 309 -27.11 7.78 8.32
C MET A 309 -26.10 8.90 8.06
N LYS A 310 -24.84 8.65 8.46
CA LYS A 310 -23.75 9.62 8.40
C LYS A 310 -23.47 10.01 6.95
N LEU A 311 -23.34 9.00 6.06
CA LEU A 311 -22.95 9.24 4.67
C LEU A 311 -24.14 9.76 3.87
N ASN A 312 -25.34 9.35 4.26
CA ASN A 312 -26.52 9.99 3.70
C ASN A 312 -26.56 11.44 4.16
N GLY A 313 -26.28 11.66 5.46
CA GLY A 313 -26.38 12.99 6.06
C GLY A 313 -25.47 14.01 5.38
N GLN A 314 -24.41 13.51 4.74
CA GLN A 314 -23.33 14.30 4.16
C GLN A 314 -23.73 14.88 2.82
N LEU A 315 -24.66 14.23 2.12
CA LEU A 315 -25.04 14.69 0.80
C LEU A 315 -25.87 15.98 0.90
N MET A 316 -25.72 16.86 -0.10
CA MET A 316 -26.37 18.15 -0.11
C MET A 316 -26.88 18.45 -1.52
N MET B 1 7.63 -15.05 -8.97
CA MET B 1 8.33 -13.80 -8.60
C MET B 1 9.02 -13.99 -7.26
N ARG B 2 10.35 -13.93 -7.27
CA ARG B 2 11.16 -14.12 -6.08
C ARG B 2 11.10 -12.85 -5.23
N GLU B 3 11.20 -13.04 -3.91
CA GLU B 3 11.18 -11.94 -2.95
C GLU B 3 12.60 -11.64 -2.48
N TYR B 4 12.93 -10.35 -2.41
CA TYR B 4 14.28 -9.93 -2.06
C TYR B 4 14.21 -9.01 -0.85
N LYS B 5 14.82 -9.45 0.26
CA LYS B 5 14.84 -8.64 1.47
C LYS B 5 16.07 -7.74 1.45
N LEU B 6 15.83 -6.43 1.29
CA LEU B 6 16.90 -5.46 1.21
C LEU B 6 16.84 -4.53 2.41
N VAL B 7 18.03 -4.10 2.86
CA VAL B 7 18.16 -3.28 4.05
C VAL B 7 19.04 -2.08 3.71
N VAL B 8 18.54 -0.88 4.03
CA VAL B 8 19.26 0.36 3.84
C VAL B 8 19.80 0.81 5.19
N LEU B 9 21.13 0.91 5.28
CA LEU B 9 21.81 1.24 6.54
C LEU B 9 22.71 2.46 6.38
N GLY B 10 23.01 3.09 7.51
CA GLY B 10 23.88 4.25 7.54
C GLY B 10 23.47 5.19 8.67
N SER B 11 24.31 6.19 8.92
CA SER B 11 24.12 7.09 10.05
C SER B 11 23.00 8.06 9.77
N GLY B 12 22.58 8.78 10.82
CA GLY B 12 21.52 9.75 10.73
C GLY B 12 21.77 10.77 9.63
N GLY B 13 20.71 11.09 8.88
CA GLY B 13 20.70 12.23 7.99
C GLY B 13 21.29 11.95 6.61
N VAL B 14 21.70 10.71 6.33
CA VAL B 14 22.42 10.43 5.11
C VAL B 14 21.50 10.40 3.89
N GLY B 15 20.20 10.12 4.09
CA GLY B 15 19.25 10.07 3.00
C GLY B 15 18.79 8.64 2.68
N LYS B 16 18.86 7.78 3.70
CA LYS B 16 18.36 6.42 3.60
C LYS B 16 16.89 6.47 3.17
N SER B 17 16.09 7.24 3.90
CA SER B 17 14.67 7.37 3.60
C SER B 17 14.46 8.08 2.26
N ALA B 18 15.23 9.13 2.00
CA ALA B 18 15.04 9.89 0.77
C ALA B 18 15.25 8.99 -0.44
N LEU B 19 16.29 8.15 -0.40
CA LEU B 19 16.61 7.24 -1.49
C LEU B 19 15.49 6.22 -1.69
N THR B 20 15.02 5.64 -0.58
CA THR B 20 14.02 4.58 -0.60
C THR B 20 12.72 5.13 -1.18
N VAL B 21 12.29 6.30 -0.67
CA VAL B 21 11.01 6.88 -1.01
C VAL B 21 11.04 7.34 -2.46
N GLN B 22 12.20 7.83 -2.90
CA GLN B 22 12.37 8.21 -4.30
C GLN B 22 12.23 6.98 -5.18
N PHE B 23 12.88 5.88 -4.77
CA PHE B 23 12.89 4.67 -5.57
C PHE B 23 11.49 4.09 -5.68
N VAL B 24 10.83 3.96 -4.52
CA VAL B 24 9.55 3.28 -4.43
C VAL B 24 8.45 4.21 -4.93
N GLN B 25 8.45 5.47 -4.44
CA GLN B 25 7.29 6.33 -4.61
C GLN B 25 7.52 7.42 -5.65
N GLY B 26 8.78 7.60 -6.09
CA GLY B 26 9.09 8.63 -7.07
C GLY B 26 8.86 10.04 -6.51
N ILE B 27 9.00 10.18 -5.18
CA ILE B 27 8.80 11.43 -4.49
C ILE B 27 10.11 11.77 -3.78
N PHE B 28 10.44 13.06 -3.69
CA PHE B 28 11.60 13.49 -2.93
C PHE B 28 11.18 14.07 -1.57
N VAL B 29 11.58 13.37 -0.51
CA VAL B 29 11.30 13.73 0.88
C VAL B 29 12.20 14.91 1.28
N GLU B 30 11.56 16.08 1.48
CA GLU B 30 12.24 17.32 1.83
C GLU B 30 12.52 17.37 3.33
N LYS B 31 11.47 17.28 4.16
CA LYS B 31 11.63 17.41 5.60
C LYS B 31 12.49 16.27 6.13
N TYR B 32 13.08 16.50 7.31
CA TYR B 32 13.87 15.49 7.99
C TYR B 32 13.08 14.91 9.16
N ASP B 33 12.54 13.71 8.94
CA ASP B 33 11.84 12.95 9.97
CA ASP B 33 11.85 12.96 9.98
C ASP B 33 12.70 11.74 10.34
N PRO B 34 13.48 11.80 11.45
CA PRO B 34 14.23 10.63 11.92
C PRO B 34 13.35 9.37 11.95
N THR B 35 13.82 8.32 11.25
CA THR B 35 13.05 7.11 11.03
C THR B 35 13.14 6.23 12.27
N ILE B 36 12.02 5.58 12.62
CA ILE B 36 12.12 4.46 13.55
C ILE B 36 12.42 3.21 12.73
N GLU B 37 11.46 2.78 11.91
CA GLU B 37 11.63 1.63 11.05
C GLU B 37 10.47 1.58 10.07
N ASP B 38 10.79 1.69 8.78
CA ASP B 38 9.80 1.63 7.72
C ASP B 38 10.15 0.46 6.81
N SER B 39 9.10 -0.14 6.23
CA SER B 39 9.27 -1.17 5.24
C SER B 39 8.47 -0.81 4.00
N TYR B 40 9.09 -0.96 2.82
CA TYR B 40 8.42 -0.66 1.57
C TYR B 40 8.47 -1.90 0.68
N ARG B 41 7.53 -1.97 -0.25
CA ARG B 41 7.46 -3.08 -1.19
C ARG B 41 7.39 -2.49 -2.59
N LYS B 42 8.12 -3.11 -3.51
CA LYS B 42 8.12 -2.63 -4.87
C LYS B 42 8.46 -3.79 -5.79
N GLN B 43 7.62 -3.98 -6.82
CA GLN B 43 7.94 -4.91 -7.89
C GLN B 43 8.78 -4.19 -8.94
N VAL B 44 9.86 -4.85 -9.36
CA VAL B 44 10.75 -4.31 -10.38
C VAL B 44 11.14 -5.45 -11.32
N GLU B 45 11.77 -5.06 -12.44
CA GLU B 45 12.40 -5.99 -13.36
C GLU B 45 13.91 -5.79 -13.30
N VAL B 46 14.62 -6.83 -12.86
CA VAL B 46 16.06 -6.91 -12.96
C VAL B 46 16.36 -8.15 -13.81
N ASP B 47 17.15 -7.94 -14.88
CA ASP B 47 17.57 -8.98 -15.81
C ASP B 47 16.39 -9.85 -16.24
N ALA B 48 15.38 -9.20 -16.83
CA ALA B 48 14.27 -9.86 -17.50
C ALA B 48 13.33 -10.56 -16.52
N GLN B 49 13.59 -10.43 -15.21
CA GLN B 49 12.76 -11.10 -14.23
C GLN B 49 12.02 -10.10 -13.36
N GLN B 50 10.79 -10.46 -12.99
CA GLN B 50 9.99 -9.71 -12.02
C GLN B 50 10.46 -10.08 -10.61
N CYS B 51 10.80 -9.05 -9.83
CA CYS B 51 11.28 -9.25 -8.47
C CYS B 51 10.38 -8.45 -7.53
N MET B 52 10.05 -9.05 -6.38
CA MET B 52 9.37 -8.31 -5.35
C MET B 52 10.39 -7.90 -4.30
N LEU B 53 10.65 -6.58 -4.25
CA LEU B 53 11.55 -6.07 -3.25
C LEU B 53 10.75 -5.67 -2.02
N GLU B 54 11.24 -6.16 -0.88
CA GLU B 54 10.85 -5.66 0.42
C GLU B 54 12.05 -4.88 0.93
N ILE B 55 11.88 -3.57 1.12
CA ILE B 55 13.01 -2.74 1.46
C ILE B 55 12.81 -2.20 2.87
N LEU B 56 13.76 -2.54 3.73
CA LEU B 56 13.70 -2.06 5.10
C LEU B 56 14.53 -0.79 5.21
N ASP B 57 13.87 0.28 5.66
CA ASP B 57 14.50 1.58 5.85
C ASP B 57 14.70 1.81 7.35
N THR B 58 15.98 1.83 7.78
CA THR B 58 16.35 1.77 9.18
C THR B 58 16.69 3.16 9.73
N ALA B 59 16.79 3.22 11.06
CA ALA B 59 17.15 4.41 11.81
C ALA B 59 18.67 4.57 11.82
N GLY B 60 19.15 5.80 11.64
CA GLY B 60 20.58 6.03 11.56
C GLY B 60 21.24 6.04 12.93
N THR B 61 20.49 6.51 13.92
CA THR B 61 21.03 6.87 15.22
C THR B 61 20.77 5.74 16.22
N GLU B 62 20.51 4.54 15.67
CA GLU B 62 19.96 3.44 16.42
C GLU B 62 20.89 2.22 16.35
N MET B 67 18.03 -3.45 17.35
CA MET B 67 17.38 -4.51 16.55
C MET B 67 18.19 -4.73 15.27
N ARG B 68 19.31 -4.01 15.18
CA ARG B 68 20.28 -4.00 14.09
C ARG B 68 20.71 -5.41 13.70
N ASP B 69 20.94 -6.24 14.73
CA ASP B 69 21.45 -7.59 14.57
C ASP B 69 20.44 -8.42 13.79
N LEU B 70 19.16 -8.21 14.12
CA LEU B 70 18.02 -8.89 13.52
C LEU B 70 17.96 -8.56 12.03
N TYR B 71 18.08 -7.27 11.69
CA TYR B 71 18.00 -6.83 10.31
C TYR B 71 19.07 -7.55 9.49
N MET B 72 20.26 -7.65 10.06
CA MET B 72 21.40 -8.19 9.35
C MET B 72 21.21 -9.68 9.11
N LYS B 73 20.69 -10.38 10.13
CA LYS B 73 20.39 -11.80 10.04
C LYS B 73 19.37 -12.05 8.93
N ASN B 74 18.33 -11.19 8.88
CA ASN B 74 17.19 -11.40 8.00
C ASN B 74 17.46 -10.88 6.59
N GLY B 75 18.28 -9.83 6.45
CA GLY B 75 18.45 -9.17 5.16
C GLY B 75 19.30 -9.99 4.20
N GLN B 76 19.00 -9.90 2.89
CA GLN B 76 19.77 -10.58 1.87
C GLN B 76 20.81 -9.64 1.26
N GLY B 77 20.46 -8.34 1.19
CA GLY B 77 21.33 -7.34 0.60
C GLY B 77 21.30 -6.03 1.39
N PHE B 78 22.43 -5.32 1.42
CA PHE B 78 22.60 -4.15 2.27
C PHE B 78 23.15 -2.98 1.47
N ALA B 79 22.37 -1.90 1.43
CA ALA B 79 22.85 -0.62 0.94
C ALA B 79 23.44 0.17 2.11
N LEU B 80 24.73 0.47 2.00
CA LEU B 80 25.46 1.18 3.04
C LEU B 80 25.66 2.62 2.57
N VAL B 81 24.87 3.53 3.17
CA VAL B 81 24.70 4.89 2.68
C VAL B 81 25.48 5.85 3.57
N TYR B 82 26.33 6.67 2.92
CA TYR B 82 26.88 7.85 3.55
C TYR B 82 26.48 9.08 2.73
N SER B 83 26.64 10.24 3.34
CA SER B 83 26.48 11.54 2.70
C SER B 83 27.86 12.09 2.36
N ILE B 84 28.05 12.53 1.11
CA ILE B 84 29.33 13.08 0.67
C ILE B 84 29.59 14.41 1.37
N THR B 85 28.59 14.83 2.17
CA THR B 85 28.52 16.10 2.87
C THR B 85 29.08 15.95 4.28
N ALA B 86 29.24 14.71 4.75
CA ALA B 86 29.47 14.49 6.17
C ALA B 86 30.40 13.29 6.40
N GLN B 87 31.59 13.61 6.94
CA GLN B 87 32.75 12.72 6.97
C GLN B 87 32.51 11.57 7.94
N SER B 88 31.94 11.89 9.11
CA SER B 88 31.64 10.87 10.09
C SER B 88 30.68 9.82 9.52
N THR B 89 29.77 10.24 8.63
CA THR B 89 28.83 9.27 8.06
C THR B 89 29.60 8.24 7.24
N PHE B 90 30.66 8.69 6.58
CA PHE B 90 31.55 7.82 5.85
C PHE B 90 32.31 6.92 6.83
N ASN B 91 32.85 7.52 7.90
CA ASN B 91 33.67 6.79 8.87
C ASN B 91 32.90 5.63 9.48
N ASP B 92 31.61 5.86 9.75
CA ASP B 92 30.79 4.91 10.47
C ASP B 92 30.60 3.63 9.67
N LEU B 93 30.83 3.69 8.35
CA LEU B 93 30.40 2.58 7.52
C LEU B 93 31.31 1.35 7.69
N GLN B 94 32.52 1.54 8.22
CA GLN B 94 33.41 0.41 8.38
C GLN B 94 32.82 -0.58 9.37
N ASP B 95 32.33 -0.07 10.50
CA ASP B 95 31.79 -0.88 11.58
C ASP B 95 30.56 -1.66 11.10
N LEU B 96 29.67 -1.00 10.36
CA LEU B 96 28.46 -1.64 9.87
C LEU B 96 28.84 -2.82 8.98
N ARG B 97 29.76 -2.60 8.05
CA ARG B 97 30.24 -3.61 7.14
C ARG B 97 30.78 -4.81 7.91
N GLU B 98 31.58 -4.53 8.95
CA GLU B 98 32.22 -5.58 9.74
C GLU B 98 31.20 -6.30 10.60
N GLN B 99 30.19 -5.56 11.09
CA GLN B 99 29.13 -6.18 11.86
C GLN B 99 28.34 -7.14 10.99
N ILE B 100 28.04 -6.74 9.74
CA ILE B 100 27.24 -7.57 8.84
C ILE B 100 27.98 -8.87 8.54
N LEU B 101 29.30 -8.75 8.33
CA LEU B 101 30.11 -9.92 8.04
C LEU B 101 30.12 -10.84 9.26
N ARG B 102 30.16 -10.24 10.44
CA ARG B 102 30.16 -10.98 11.69
C ARG B 102 28.86 -11.77 11.81
N VAL B 103 27.72 -11.07 11.69
CA VAL B 103 26.42 -11.65 11.96
C VAL B 103 26.10 -12.72 10.92
N LYS B 104 26.34 -12.38 9.65
CA LYS B 104 26.08 -13.30 8.56
C LYS B 104 27.13 -14.42 8.58
N ASP B 105 28.29 -14.13 9.20
CA ASP B 105 29.39 -15.08 9.30
C ASP B 105 29.76 -15.56 7.90
N THR B 106 30.19 -14.60 7.06
CA THR B 106 30.66 -14.87 5.70
C THR B 106 31.17 -13.56 5.10
N ASP B 107 32.10 -13.70 4.15
CA ASP B 107 32.68 -12.59 3.41
C ASP B 107 31.74 -12.20 2.29
N ASP B 108 30.93 -13.17 1.86
CA ASP B 108 30.17 -13.07 0.64
C ASP B 108 28.74 -12.61 0.96
N VAL B 109 28.58 -11.30 1.19
CA VAL B 109 27.29 -10.70 1.48
C VAL B 109 27.00 -9.64 0.41
N PRO B 110 25.88 -9.75 -0.35
CA PRO B 110 25.50 -8.69 -1.29
C PRO B 110 25.37 -7.35 -0.60
N MET B 111 26.02 -6.33 -1.17
CA MET B 111 26.36 -5.11 -0.45
C MET B 111 26.79 -4.05 -1.45
N ILE B 112 26.35 -2.79 -1.21
CA ILE B 112 26.74 -1.68 -2.04
C ILE B 112 27.06 -0.48 -1.15
N LEU B 113 28.16 0.21 -1.48
CA LEU B 113 28.52 1.47 -0.86
C LEU B 113 27.86 2.58 -1.68
N VAL B 114 27.14 3.47 -1.00
CA VAL B 114 26.38 4.50 -1.69
C VAL B 114 26.75 5.84 -1.08
N GLY B 115 27.37 6.68 -1.91
CA GLY B 115 27.62 8.06 -1.55
C GLY B 115 26.49 8.95 -2.03
N ASN B 116 25.64 9.36 -1.08
CA ASN B 116 24.43 10.08 -1.38
C ASN B 116 24.67 11.59 -1.26
N LYS B 117 23.76 12.36 -1.87
CA LYS B 117 23.73 13.81 -1.89
C LYS B 117 24.75 14.35 -2.87
N CYS B 118 24.92 13.67 -4.01
CA CYS B 118 25.92 14.05 -5.00
C CYS B 118 25.43 15.26 -5.81
N ASP B 119 24.34 15.89 -5.35
CA ASP B 119 23.81 17.11 -5.92
C ASP B 119 24.32 18.31 -5.13
N LEU B 120 24.78 18.04 -3.90
CA LEU B 120 25.44 19.08 -3.11
C LEU B 120 26.95 18.98 -3.33
N GLU B 121 27.34 18.92 -4.63
CA GLU B 121 28.73 18.86 -5.07
C GLU B 121 29.53 19.95 -4.36
N ASP B 122 28.88 21.07 -4.08
CA ASP B 122 29.52 22.20 -3.41
C ASP B 122 29.97 21.77 -2.02
N GLU B 123 29.03 21.28 -1.21
CA GLU B 123 29.23 21.08 0.21
C GLU B 123 30.00 19.78 0.45
N ARG B 124 30.56 19.22 -0.63
CA ARG B 124 31.19 17.91 -0.61
C ARG B 124 32.43 17.94 0.28
N VAL B 125 32.37 17.15 1.36
CA VAL B 125 33.50 16.91 2.24
C VAL B 125 34.21 15.64 1.78
N VAL B 126 33.43 14.57 1.59
CA VAL B 126 34.00 13.29 1.22
C VAL B 126 34.16 13.26 -0.30
N GLY B 127 35.34 12.82 -0.74
CA GLY B 127 35.66 12.78 -2.15
C GLY B 127 35.20 11.47 -2.79
N LYS B 128 35.03 11.50 -4.11
CA LYS B 128 34.56 10.36 -4.87
C LYS B 128 35.62 9.26 -4.83
N GLU B 129 36.89 9.68 -4.74
CA GLU B 129 38.02 8.76 -4.85
C GLU B 129 38.15 7.97 -3.55
N GLN B 130 37.88 8.63 -2.41
CA GLN B 130 37.88 7.95 -1.13
C GLN B 130 36.74 6.93 -1.13
N GLY B 131 35.60 7.34 -1.68
CA GLY B 131 34.47 6.45 -1.92
C GLY B 131 34.92 5.15 -2.60
N GLN B 132 35.39 5.28 -3.84
CA GLN B 132 35.80 4.14 -4.67
C GLN B 132 36.92 3.38 -3.99
N ASN B 133 37.78 4.12 -3.27
CA ASN B 133 38.91 3.55 -2.56
C ASN B 133 38.41 2.60 -1.49
N LEU B 134 37.40 3.05 -0.73
CA LEU B 134 36.82 2.23 0.33
C LEU B 134 36.26 0.93 -0.26
N ALA B 135 35.60 1.01 -1.42
CA ALA B 135 34.89 -0.13 -1.97
C ALA B 135 35.84 -1.24 -2.40
N ARG B 136 37.01 -0.88 -2.96
CA ARG B 136 37.96 -1.88 -3.39
C ARG B 136 38.56 -2.61 -2.19
N GLN B 137 38.90 -1.84 -1.14
CA GLN B 137 39.30 -2.39 0.15
C GLN B 137 38.29 -3.46 0.60
N TRP B 138 37.05 -3.32 0.13
CA TRP B 138 35.96 -4.21 0.49
C TRP B 138 35.72 -5.27 -0.59
N ASN B 139 36.77 -6.02 -0.95
CA ASN B 139 36.60 -7.19 -1.79
C ASN B 139 35.98 -6.82 -3.15
N ASN B 140 36.45 -5.71 -3.72
CA ASN B 140 35.98 -5.25 -5.02
C ASN B 140 34.46 -5.04 -4.95
N CYS B 141 34.04 -4.22 -3.98
CA CYS B 141 32.64 -3.95 -3.73
C CYS B 141 32.06 -3.15 -4.90
N ALA B 142 30.74 -2.99 -4.89
CA ALA B 142 30.05 -2.07 -5.78
C ALA B 142 30.01 -0.69 -5.12
N PHE B 143 29.98 0.35 -5.95
CA PHE B 143 29.98 1.72 -5.46
C PHE B 143 29.18 2.60 -6.41
N LEU B 144 28.40 3.50 -5.83
CA LEU B 144 27.58 4.45 -6.55
C LEU B 144 27.61 5.77 -5.79
N GLU B 145 27.69 6.87 -6.55
CA GLU B 145 27.32 8.16 -6.02
C GLU B 145 25.88 8.44 -6.45
N SER B 146 25.05 8.85 -5.48
CA SER B 146 23.62 8.95 -5.71
C SER B 146 23.09 10.31 -5.25
N SER B 147 21.90 10.64 -5.76
CA SER B 147 21.14 11.79 -5.31
C SER B 147 19.66 11.39 -5.27
N ALA B 148 19.06 11.44 -4.07
CA ALA B 148 17.64 11.18 -3.92
C ALA B 148 16.88 12.31 -4.62
N LYS B 149 17.48 13.50 -4.57
CA LYS B 149 16.87 14.73 -5.03
C LYS B 149 16.86 14.77 -6.56
N SER B 150 18.00 14.46 -7.17
CA SER B 150 18.15 14.60 -8.61
C SER B 150 17.78 13.31 -9.34
N LYS B 151 17.55 12.23 -8.59
CA LYS B 151 17.21 10.92 -9.14
C LYS B 151 18.39 10.34 -9.91
N ILE B 152 19.59 10.50 -9.36
CA ILE B 152 20.76 9.96 -10.03
C ILE B 152 21.21 8.70 -9.29
N ASN B 153 21.27 7.59 -10.04
CA ASN B 153 21.74 6.30 -9.56
C ASN B 153 20.84 5.76 -8.46
N VAL B 154 19.57 6.18 -8.44
CA VAL B 154 18.66 5.76 -7.39
C VAL B 154 18.27 4.30 -7.59
N ASN B 155 17.74 3.94 -8.77
CA ASN B 155 17.28 2.59 -9.03
C ASN B 155 18.45 1.61 -8.96
N GLU B 156 19.59 2.06 -9.47
CA GLU B 156 20.77 1.22 -9.66
C GLU B 156 21.18 0.58 -8.33
N ILE B 157 21.02 1.33 -7.23
CA ILE B 157 21.34 0.86 -5.90
C ILE B 157 20.66 -0.49 -5.67
N PHE B 158 19.36 -0.54 -5.96
CA PHE B 158 18.51 -1.66 -5.60
C PHE B 158 18.70 -2.82 -6.58
N TYR B 159 18.71 -2.49 -7.89
CA TYR B 159 18.95 -3.46 -8.93
C TYR B 159 20.29 -4.16 -8.70
N ASP B 160 21.30 -3.37 -8.32
CA ASP B 160 22.61 -3.96 -8.12
C ASP B 160 22.56 -5.02 -7.02
N LEU B 161 21.73 -4.78 -6.01
CA LEU B 161 21.62 -5.69 -4.88
C LEU B 161 20.92 -6.98 -5.30
N VAL B 162 19.92 -6.84 -6.18
CA VAL B 162 19.21 -8.00 -6.72
C VAL B 162 20.21 -8.88 -7.46
N ARG B 163 20.94 -8.27 -8.40
CA ARG B 163 21.96 -8.97 -9.17
C ARG B 163 22.89 -9.74 -8.24
N GLN B 164 23.46 -9.03 -7.25
CA GLN B 164 24.43 -9.63 -6.33
C GLN B 164 23.79 -10.81 -5.60
N ILE B 165 22.54 -10.66 -5.17
CA ILE B 165 21.83 -11.70 -4.44
C ILE B 165 21.66 -12.92 -5.34
N ASN B 166 21.43 -12.65 -6.64
CA ASN B 166 21.18 -13.68 -7.65
C ASN B 166 22.47 -14.38 -8.06
N ARG B 167 23.62 -13.91 -7.55
CA ARG B 167 24.91 -14.42 -7.98
C ARG B 167 25.36 -15.57 -7.06
#